data_6V1N
#
_entry.id   6V1N
#
_entity_poly.entity_id   1
_entity_poly.type   'polypeptide(L)'
_entity_poly.pdbx_seq_one_letter_code
;AMRLS(DPP)FFRQFILQRKK
;
_entity_poly.pdbx_strand_id   A
#
# COMPACT_ATOMS: atom_id res chain seq x y z
N ALA A 1 -6.58 -14.11 2.89
CA ALA A 1 -6.50 -13.40 1.59
C ALA A 1 -5.78 -12.09 1.74
N MET A 2 -4.57 -12.14 2.34
CA MET A 2 -3.80 -10.93 2.53
C MET A 2 -2.60 -11.01 1.69
N ARG A 3 -2.52 -10.04 0.80
CA ARG A 3 -1.39 -9.91 -0.04
C ARG A 3 -0.62 -8.80 0.56
N LEU A 4 -1.43 -7.86 1.06
CA LEU A 4 -0.99 -6.65 1.63
C LEU A 4 0.18 -6.92 2.56
N SER A 5 1.38 -6.67 2.01
CA SER A 5 2.65 -6.92 2.72
C SER A 5 3.19 -5.64 3.31
N PHE A 7 2.09 -3.10 3.49
CA PHE A 7 0.96 -2.25 3.47
C PHE A 7 1.02 -1.05 4.26
N PHE A 8 0.43 -0.15 3.52
CA PHE A 8 0.16 1.13 3.85
C PHE A 8 1.24 2.05 3.62
N ARG A 9 0.70 3.09 3.04
CA ARG A 9 1.37 4.22 2.61
C ARG A 9 2.37 3.80 1.63
N GLN A 10 1.89 3.02 0.65
CA GLN A 10 2.80 2.49 -0.26
C GLN A 10 2.08 1.81 -1.39
N PHE A 11 0.73 1.91 -1.38
CA PHE A 11 -0.05 1.22 -2.37
C PHE A 11 -1.23 2.00 -2.69
N ILE A 12 -1.66 2.56 -1.60
CA ILE A 12 -2.80 3.31 -1.52
C ILE A 12 -2.37 4.67 -1.72
N LEU A 13 -1.19 4.76 -1.22
CA LEU A 13 -0.53 5.91 -0.99
C LEU A 13 0.68 6.04 -1.82
N GLN A 14 0.95 5.00 -2.53
CA GLN A 14 2.09 4.91 -3.41
C GLN A 14 2.18 6.11 -4.31
N ARG A 15 1.03 6.65 -4.68
CA ARG A 15 0.98 7.73 -5.61
C ARG A 15 1.16 9.05 -4.92
N LYS A 16 0.96 9.09 -3.60
CA LYS A 16 1.07 10.34 -2.87
C LYS A 16 2.42 10.31 -2.27
N LYS A 17 2.81 9.10 -1.95
CA LYS A 17 4.09 8.84 -1.36
C LYS A 17 5.10 8.57 -2.50
N ALA A 1 -5.30 -14.64 2.13
CA ALA A 1 -6.31 -13.55 2.14
C ALA A 1 -5.65 -12.21 2.02
N MET A 2 -4.57 -11.99 2.80
CA MET A 2 -3.87 -10.73 2.75
C MET A 2 -2.62 -10.91 1.98
N ARG A 3 -2.54 -10.14 0.92
CA ARG A 3 -1.40 -10.12 0.11
C ARG A 3 -0.60 -8.98 0.61
N LEU A 4 -1.38 -7.96 0.95
CA LEU A 4 -0.94 -6.71 1.42
C LEU A 4 0.23 -6.90 2.37
N SER A 5 1.44 -6.71 1.79
CA SER A 5 2.70 -6.91 2.52
C SER A 5 3.20 -5.60 3.12
N PHE A 7 2.04 -3.10 3.27
CA PHE A 7 0.90 -2.28 3.22
C PHE A 7 0.89 -1.09 4.04
N PHE A 8 0.30 -0.19 3.30
CA PHE A 8 -0.01 1.08 3.65
C PHE A 8 1.06 2.02 3.46
N ARG A 9 0.52 3.06 2.89
CA ARG A 9 1.16 4.21 2.50
C ARG A 9 2.20 3.84 1.55
N GLN A 10 1.78 3.06 0.53
CA GLN A 10 2.73 2.59 -0.35
C GLN A 10 2.05 1.90 -1.51
N PHE A 11 0.71 1.95 -1.54
CA PHE A 11 -0.02 1.28 -2.58
C PHE A 11 -1.22 2.03 -2.92
N ILE A 12 -1.69 2.55 -1.84
CA ILE A 12 -2.85 3.28 -1.78
C ILE A 12 -2.46 4.65 -1.94
N LEU A 13 -1.29 4.76 -1.39
CA LEU A 13 -0.67 5.93 -1.12
C LEU A 13 0.57 6.11 -1.90
N GLN A 14 0.91 5.07 -2.59
CA GLN A 14 2.10 5.01 -3.43
C GLN A 14 2.25 6.23 -4.29
N ARG A 15 1.12 6.80 -4.69
CA ARG A 15 1.11 7.91 -5.58
C ARG A 15 1.51 9.19 -4.89
N LYS A 16 1.35 9.23 -3.57
CA LYS A 16 1.64 10.43 -2.84
C LYS A 16 2.84 10.16 -2.01
N LYS A 17 2.81 9.00 -1.39
CA LYS A 17 3.87 8.58 -0.53
C LYS A 17 4.83 7.70 -1.35
N ALA A 1 -7.18 -13.61 2.66
CA ALA A 1 -7.35 -12.26 2.05
C ALA A 1 -6.18 -11.37 2.39
N MET A 2 -4.95 -11.94 2.33
CA MET A 2 -3.78 -11.17 2.64
C MET A 2 -2.80 -11.38 1.54
N ARG A 3 -1.84 -10.46 1.50
CA ARG A 3 -0.84 -10.44 0.49
C ARG A 3 -0.13 -9.19 0.75
N LEU A 4 -0.98 -8.23 1.14
CA LEU A 4 -0.63 -6.88 1.42
C LEU A 4 0.60 -6.83 2.30
N SER A 5 1.77 -6.71 1.63
CA SER A 5 3.06 -6.63 2.31
C SER A 5 3.61 -5.24 2.03
N PHE A 7 2.30 -3.04 3.28
CA PHE A 7 1.09 -2.31 3.16
C PHE A 7 0.97 -1.13 3.96
N PHE A 8 0.37 -0.27 3.21
CA PHE A 8 -0.01 0.99 3.55
C PHE A 8 1.02 1.98 3.38
N ARG A 9 0.45 2.99 2.80
CA ARG A 9 1.06 4.16 2.41
C ARG A 9 2.12 3.83 1.48
N GLN A 10 1.74 3.02 0.47
CA GLN A 10 2.71 2.57 -0.40
C GLN A 10 2.08 1.88 -1.58
N PHE A 11 0.73 1.90 -1.64
CA PHE A 11 0.02 1.21 -2.68
C PHE A 11 -1.18 1.93 -3.02
N ILE A 12 -1.69 2.40 -1.95
CA ILE A 12 -2.89 3.08 -1.89
C ILE A 12 -2.54 4.47 -2.04
N LEU A 13 -1.39 4.61 -1.49
CA LEU A 13 -0.82 5.81 -1.20
C LEU A 13 0.42 6.03 -1.95
N GLN A 14 0.83 5.00 -2.63
CA GLN A 14 2.04 4.98 -3.43
C GLN A 14 2.22 6.24 -4.24
N ARG A 15 1.09 6.78 -4.70
CA ARG A 15 1.09 7.92 -5.56
C ARG A 15 1.45 9.18 -4.82
N LYS A 16 1.29 9.17 -3.50
CA LYS A 16 1.54 10.32 -2.70
C LYS A 16 2.69 10.01 -1.82
N LYS A 17 2.53 8.90 -1.10
CA LYS A 17 3.55 8.43 -0.20
C LYS A 17 3.96 9.57 0.75
N ALA A 1 -7.64 -13.26 2.65
CA ALA A 1 -7.42 -12.11 1.73
C ALA A 1 -6.23 -11.30 2.18
N MET A 2 -5.02 -11.85 1.96
CA MET A 2 -3.82 -11.15 2.35
C MET A 2 -2.86 -11.24 1.22
N ARG A 3 -1.88 -10.35 1.30
CA ARG A 3 -0.88 -10.23 0.30
C ARG A 3 -0.14 -9.02 0.71
N LEU A 4 -0.97 -8.11 1.21
CA LEU A 4 -0.58 -6.82 1.65
C LEU A 4 0.61 -6.96 2.58
N SER A 5 1.80 -6.75 1.99
CA SER A 5 3.07 -6.90 2.70
C SER A 5 3.55 -5.58 3.26
N PHE A 7 2.30 -3.10 3.38
CA PHE A 7 1.13 -2.32 3.34
C PHE A 7 1.10 -1.12 4.13
N PHE A 8 0.47 -0.25 3.39
CA PHE A 8 0.12 1.02 3.71
C PHE A 8 1.16 1.99 3.50
N ARG A 9 0.58 3.00 2.91
CA ARG A 9 1.19 4.17 2.49
C ARG A 9 2.23 3.81 1.54
N GLN A 10 1.82 3.00 0.54
CA GLN A 10 2.78 2.54 -0.35
C GLN A 10 2.11 1.82 -1.49
N PHE A 11 0.77 1.82 -1.51
CA PHE A 11 0.05 1.10 -2.51
C PHE A 11 -1.16 1.82 -2.86
N ILE A 12 -1.65 2.35 -1.79
CA ILE A 12 -2.82 3.04 -1.73
C ILE A 12 -2.47 4.42 -1.91
N LEU A 13 -1.31 4.57 -1.37
CA LEU A 13 -0.73 5.77 -1.12
C LEU A 13 0.51 5.97 -1.90
N GLN A 14 0.87 4.94 -2.59
CA GLN A 14 2.05 4.91 -3.42
C GLN A 14 2.19 6.13 -4.27
N ARG A 15 1.06 6.69 -4.68
CA ARG A 15 1.05 7.79 -5.58
C ARG A 15 1.20 9.11 -4.85
N LYS A 16 0.94 9.12 -3.54
CA LYS A 16 1.01 10.35 -2.79
C LYS A 16 2.26 10.28 -2.01
N LYS A 17 2.49 9.08 -1.54
CA LYS A 17 3.66 8.78 -0.75
C LYS A 17 4.67 8.06 -1.64
N ALA A 1 -6.42 -13.88 4.00
CA ALA A 1 -6.07 -13.72 2.57
C ALA A 1 -5.52 -12.34 2.30
N MET A 2 -4.57 -11.90 3.15
CA MET A 2 -3.99 -10.59 2.98
C MET A 2 -2.70 -10.75 2.29
N ARG A 3 -2.73 -10.38 1.03
CA ARG A 3 -1.55 -10.39 0.24
C ARG A 3 -0.77 -9.21 0.67
N LEU A 4 -1.56 -8.15 0.84
CA LEU A 4 -1.11 -6.84 1.19
C LEU A 4 0.10 -6.91 2.10
N SER A 5 1.28 -6.78 1.45
CA SER A 5 2.57 -6.81 2.13
C SER A 5 3.22 -5.48 1.92
N PHE A 7 1.97 -3.21 3.20
CA PHE A 7 0.80 -2.41 3.07
C PHE A 7 0.75 -1.24 3.90
N PHE A 8 0.22 -0.32 3.14
CA PHE A 8 -0.09 0.95 3.50
C PHE A 8 1.01 1.86 3.38
N ARG A 9 0.52 2.92 2.78
CA ARG A 9 1.21 4.06 2.44
C ARG A 9 2.27 3.67 1.53
N GLN A 10 1.87 2.92 0.49
CA GLN A 10 2.83 2.42 -0.37
C GLN A 10 2.19 1.79 -1.57
N PHE A 11 0.85 1.89 -1.65
CA PHE A 11 0.13 1.25 -2.71
C PHE A 11 -1.01 2.07 -3.08
N ILE A 12 -1.53 2.56 -2.01
CA ILE A 12 -2.67 3.32 -1.99
C ILE A 12 -2.27 4.69 -2.08
N LEU A 13 -1.15 4.78 -1.47
CA LEU A 13 -0.56 5.96 -1.12
C LEU A 13 0.70 6.22 -1.83
N GLN A 14 1.16 5.20 -2.50
CA GLN A 14 2.40 5.24 -3.24
C GLN A 14 2.49 6.45 -4.13
N ARG A 15 1.34 6.89 -4.61
CA ARG A 15 1.28 7.96 -5.54
C ARG A 15 1.50 9.29 -4.88
N LYS A 16 1.29 9.37 -3.56
CA LYS A 16 1.43 10.63 -2.88
C LYS A 16 2.57 10.50 -1.96
N LYS A 17 2.59 9.36 -1.29
CA LYS A 17 3.61 9.07 -0.32
C LYS A 17 4.64 8.15 -0.99
N ALA A 1 -7.58 -13.32 2.59
CA ALA A 1 -7.40 -12.13 1.70
C ALA A 1 -6.22 -11.32 2.15
N MET A 2 -5.00 -11.86 1.96
CA MET A 2 -3.81 -11.15 2.36
C MET A 2 -2.85 -11.25 1.24
N ARG A 3 -1.87 -10.35 1.30
CA ARG A 3 -0.86 -10.24 0.32
C ARG A 3 -0.12 -9.04 0.72
N LEU A 4 -0.95 -8.11 1.21
CA LEU A 4 -0.56 -6.82 1.64
C LEU A 4 0.65 -6.95 2.56
N SER A 5 1.83 -6.72 1.95
CA SER A 5 3.12 -6.86 2.63
C SER A 5 3.56 -5.53 3.24
N PHE A 7 2.30 -3.07 3.39
CA PHE A 7 1.14 -2.29 3.34
C PHE A 7 1.09 -1.10 4.14
N PHE A 8 0.46 -0.24 3.39
CA PHE A 8 0.10 1.03 3.72
C PHE A 8 1.14 2.01 3.51
N ARG A 9 0.54 3.02 2.92
CA ARG A 9 1.15 4.19 2.50
C ARG A 9 2.19 3.84 1.55
N GLN A 10 1.79 3.03 0.56
CA GLN A 10 2.75 2.57 -0.34
C GLN A 10 2.09 1.85 -1.48
N PHE A 11 0.75 1.84 -1.50
CA PHE A 11 0.03 1.12 -2.51
C PHE A 11 -1.18 1.83 -2.85
N ILE A 12 -1.68 2.34 -1.78
CA ILE A 12 -2.86 3.04 -1.72
C ILE A 12 -2.52 4.42 -1.90
N LEU A 13 -1.36 4.58 -1.36
CA LEU A 13 -0.79 5.78 -1.12
C LEU A 13 0.43 5.99 -1.90
N GLN A 14 0.83 4.95 -2.58
CA GLN A 14 2.00 4.94 -3.43
C GLN A 14 2.11 6.15 -4.29
N ARG A 15 0.96 6.66 -4.70
CA ARG A 15 0.89 7.77 -5.60
C ARG A 15 1.22 9.07 -4.92
N LYS A 16 1.06 9.14 -3.60
CA LYS A 16 1.30 10.36 -2.89
C LYS A 16 2.51 10.16 -2.04
N LYS A 17 2.59 8.96 -1.49
CA LYS A 17 3.67 8.60 -0.63
C LYS A 17 4.68 7.79 -1.46
N ALA A 1 -7.19 -12.64 0.36
CA ALA A 1 -7.42 -11.99 1.67
C ALA A 1 -6.21 -11.20 2.10
N MET A 2 -5.01 -11.81 1.97
CA MET A 2 -3.80 -11.14 2.35
C MET A 2 -2.85 -11.23 1.23
N ARG A 3 -1.86 -10.35 1.29
CA ARG A 3 -0.86 -10.24 0.29
C ARG A 3 -0.12 -9.03 0.70
N LEU A 4 -0.94 -8.11 1.21
CA LEU A 4 -0.55 -6.83 1.65
C LEU A 4 0.64 -6.96 2.58
N SER A 5 1.83 -6.76 1.98
CA SER A 5 3.11 -6.89 2.69
C SER A 5 3.56 -5.56 3.27
N PHE A 7 2.31 -3.09 3.40
CA PHE A 7 1.14 -2.32 3.35
C PHE A 7 1.09 -1.11 4.14
N PHE A 8 0.46 -0.25 3.39
CA PHE A 8 0.10 1.01 3.71
C PHE A 8 1.15 1.98 3.51
N ARG A 9 0.57 3.00 2.92
CA ARG A 9 1.16 4.17 2.51
C ARG A 9 2.21 3.82 1.56
N GLN A 10 1.81 3.01 0.55
CA GLN A 10 2.77 2.55 -0.34
C GLN A 10 2.11 1.82 -1.48
N PHE A 11 0.77 1.82 -1.50
CA PHE A 11 0.06 1.09 -2.51
C PHE A 11 -1.16 1.81 -2.85
N ILE A 12 -1.65 2.32 -1.78
CA ILE A 12 -2.83 3.02 -1.73
C ILE A 12 -2.48 4.40 -1.92
N LEU A 13 -1.33 4.56 -1.37
CA LEU A 13 -0.74 5.75 -1.12
C LEU A 13 0.49 5.95 -1.89
N GLN A 14 0.85 4.93 -2.61
CA GLN A 14 2.04 4.91 -3.44
C GLN A 14 2.15 6.13 -4.29
N ARG A 15 1.00 6.67 -4.67
CA ARG A 15 0.96 7.78 -5.57
C ARG A 15 1.16 9.08 -4.85
N LYS A 16 0.94 9.10 -3.54
CA LYS A 16 1.06 10.32 -2.78
C LYS A 16 2.32 10.24 -2.03
N LYS A 17 2.53 9.03 -1.54
CA LYS A 17 3.70 8.72 -0.77
C LYS A 17 4.68 7.97 -1.68
N ALA A 1 -4.99 -14.62 2.24
CA ALA A 1 -6.09 -13.62 2.19
C ALA A 1 -5.54 -12.23 2.04
N MET A 2 -4.52 -11.89 2.85
CA MET A 2 -3.92 -10.58 2.78
C MET A 2 -2.65 -10.68 2.07
N ARG A 3 -2.67 -10.20 0.85
CA ARG A 3 -1.50 -10.14 0.06
C ARG A 3 -0.70 -9.02 0.61
N LEU A 4 -1.48 -7.96 0.90
CA LEU A 4 -1.02 -6.73 1.40
C LEU A 4 0.14 -6.94 2.34
N SER A 5 1.36 -6.75 1.77
CA SER A 5 2.61 -6.97 2.51
C SER A 5 3.13 -5.68 3.12
N PHE A 7 1.98 -3.16 3.27
CA PHE A 7 0.86 -2.32 3.22
C PHE A 7 0.86 -1.14 4.04
N PHE A 8 0.28 -0.23 3.30
CA PHE A 8 0.00 1.05 3.65
C PHE A 8 1.07 1.97 3.48
N ARG A 9 0.55 3.03 2.91
CA ARG A 9 1.21 4.17 2.52
C ARG A 9 2.26 3.79 1.58
N GLN A 10 1.82 3.01 0.56
CA GLN A 10 2.77 2.52 -0.32
C GLN A 10 2.09 1.86 -1.50
N PHE A 11 0.75 1.93 -1.54
CA PHE A 11 0.02 1.27 -2.57
C PHE A 11 -1.15 2.05 -2.91
N ILE A 12 -1.64 2.57 -1.83
CA ILE A 12 -2.78 3.32 -1.79
C ILE A 12 -2.36 4.68 -1.93
N LEU A 13 -1.21 4.77 -1.38
CA LEU A 13 -0.58 5.94 -1.09
C LEU A 13 0.67 6.11 -1.86
N GLN A 14 1.01 5.06 -2.55
CA GLN A 14 2.21 5.00 -3.37
C GLN A 14 2.37 6.22 -4.23
N ARG A 15 1.24 6.78 -4.65
CA ARG A 15 1.25 7.88 -5.56
C ARG A 15 1.43 9.19 -4.85
N LYS A 16 1.19 9.23 -3.54
CA LYS A 16 1.29 10.46 -2.79
C LYS A 16 2.54 10.37 -2.02
N LYS A 17 2.74 9.17 -1.53
CA LYS A 17 3.89 8.84 -0.73
C LYS A 17 4.92 8.16 -1.64
N ALA A 1 -5.51 -14.60 2.12
CA ALA A 1 -6.51 -13.50 2.18
C ALA A 1 -5.83 -12.17 2.02
N MET A 2 -4.71 -11.97 2.74
CA MET A 2 -3.99 -10.72 2.67
C MET A 2 -2.74 -10.95 1.93
N ARG A 3 -2.60 -10.16 0.88
CA ARG A 3 -1.44 -10.17 0.10
C ARG A 3 -0.63 -9.06 0.63
N LEU A 4 -1.40 -8.01 0.92
CA LEU A 4 -0.93 -6.76 1.42
C LEU A 4 0.24 -6.98 2.36
N SER A 5 1.44 -6.77 1.79
CA SER A 5 2.70 -6.98 2.53
C SER A 5 3.19 -5.69 3.16
N PHE A 7 2.06 -3.18 3.32
CA PHE A 7 0.92 -2.35 3.26
C PHE A 7 0.91 -1.16 4.07
N PHE A 8 0.34 -0.26 3.33
CA PHE A 8 0.04 1.02 3.66
C PHE A 8 1.12 1.95 3.49
N ARG A 9 0.60 2.99 2.91
CA ARG A 9 1.26 4.14 2.53
C ARG A 9 2.32 3.76 1.60
N GLN A 10 1.90 2.98 0.57
CA GLN A 10 2.86 2.50 -0.30
C GLN A 10 2.20 1.81 -1.47
N PHE A 11 0.87 1.88 -1.52
CA PHE A 11 0.15 1.19 -2.55
C PHE A 11 -1.02 1.97 -2.92
N ILE A 12 -1.52 2.51 -1.86
CA ILE A 12 -2.67 3.24 -1.82
C ILE A 12 -2.27 4.62 -1.97
N LEU A 13 -1.13 4.72 -1.38
CA LEU A 13 -0.52 5.90 -1.08
C LEU A 13 0.72 6.12 -1.82
N GLN A 14 1.09 5.11 -2.53
CA GLN A 14 2.30 5.10 -3.33
C GLN A 14 2.38 6.30 -4.22
N ARG A 15 1.22 6.80 -4.62
CA ARG A 15 1.17 7.88 -5.55
C ARG A 15 1.27 9.22 -4.87
N LYS A 16 1.00 9.26 -3.55
CA LYS A 16 1.03 10.51 -2.84
C LYS A 16 2.29 10.52 -2.08
N LYS A 17 2.60 9.33 -1.63
CA LYS A 17 3.78 9.10 -0.86
C LYS A 17 4.70 8.16 -1.65
N ALA A 1 -7.27 -12.92 0.75
CA ALA A 1 -7.45 -12.29 2.08
C ALA A 1 -6.26 -11.45 2.44
N MET A 2 -5.04 -11.99 2.24
CA MET A 2 -3.84 -11.26 2.55
C MET A 2 -2.91 -11.42 1.42
N ARG A 3 -1.93 -10.51 1.41
CA ARG A 3 -0.96 -10.45 0.38
C ARG A 3 -0.24 -9.20 0.65
N LEU A 4 -1.09 -8.27 1.13
CA LEU A 4 -0.71 -6.93 1.45
C LEU A 4 0.52 -6.93 2.32
N SER A 5 1.68 -6.81 1.65
CA SER A 5 2.98 -6.78 2.32
C SER A 5 3.59 -5.42 2.07
N PHE A 7 2.27 -3.17 3.34
CA PHE A 7 1.08 -2.42 3.22
C PHE A 7 1.00 -1.22 4.03
N PHE A 8 0.42 -0.35 3.27
CA PHE A 8 0.07 0.91 3.61
C PHE A 8 1.13 1.87 3.45
N ARG A 9 0.59 2.90 2.85
CA ARG A 9 1.23 4.05 2.48
C ARG A 9 2.30 3.69 1.56
N GLN A 10 1.89 2.90 0.54
CA GLN A 10 2.87 2.42 -0.33
C GLN A 10 2.22 1.75 -1.51
N PHE A 11 0.88 1.80 -1.58
CA PHE A 11 0.17 1.12 -2.60
C PHE A 11 -1.00 1.90 -2.97
N ILE A 12 -1.52 2.38 -1.91
CA ILE A 12 -2.70 3.10 -1.86
C ILE A 12 -2.34 4.48 -1.98
N LEU A 13 -1.21 4.62 -1.41
CA LEU A 13 -0.66 5.82 -1.09
C LEU A 13 0.59 6.12 -1.83
N GLN A 14 1.09 5.10 -2.48
CA GLN A 14 2.31 5.16 -3.24
C GLN A 14 2.35 6.35 -4.16
N ARG A 15 1.19 6.73 -4.65
CA ARG A 15 1.09 7.79 -5.61
C ARG A 15 1.22 9.14 -4.98
N LYS A 16 0.97 9.24 -3.67
CA LYS A 16 1.03 10.51 -3.01
C LYS A 16 2.19 10.49 -2.11
N LYS A 17 2.32 9.39 -1.41
CA LYS A 17 3.39 9.18 -0.48
C LYS A 17 4.46 8.33 -1.16
N ALA A 1 -5.13 -14.58 2.23
CA ALA A 1 -6.19 -13.54 2.13
C ALA A 1 -5.59 -12.17 1.99
N MET A 2 -4.60 -11.85 2.86
CA MET A 2 -3.97 -10.56 2.80
C MET A 2 -2.68 -10.70 2.12
N ARG A 3 -2.67 -10.20 0.89
CA ARG A 3 -1.49 -10.18 0.13
C ARG A 3 -0.68 -9.07 0.67
N LEU A 4 -1.44 -8.00 0.93
CA LEU A 4 -0.97 -6.75 1.42
C LEU A 4 0.21 -6.96 2.34
N SER A 5 1.41 -6.75 1.76
CA SER A 5 2.67 -6.96 2.47
C SER A 5 3.17 -5.67 3.10
N PHE A 7 2.03 -3.16 3.27
CA PHE A 7 0.89 -2.33 3.23
C PHE A 7 0.89 -1.15 4.04
N PHE A 8 0.31 -0.25 3.30
CA PHE A 8 0.01 1.03 3.64
C PHE A 8 1.09 1.97 3.46
N ARG A 9 0.57 3.01 2.88
CA ARG A 9 1.22 4.16 2.51
C ARG A 9 2.27 3.77 1.56
N GLN A 10 1.84 3.00 0.54
CA GLN A 10 2.79 2.52 -0.34
C GLN A 10 2.12 1.84 -1.51
N PHE A 11 0.78 1.90 -1.55
CA PHE A 11 0.06 1.23 -2.57
C PHE A 11 -1.12 2.00 -2.93
N ILE A 12 -1.61 2.53 -1.86
CA ILE A 12 -2.76 3.27 -1.80
C ILE A 12 -2.37 4.64 -1.95
N LEU A 13 -1.22 4.75 -1.39
CA LEU A 13 -0.61 5.93 -1.10
C LEU A 13 0.63 6.13 -1.86
N GLN A 14 1.01 5.10 -2.55
CA GLN A 14 2.20 5.07 -3.37
C GLN A 14 2.29 6.28 -4.26
N ARG A 15 1.13 6.79 -4.66
CA ARG A 15 1.07 7.87 -5.58
C ARG A 15 1.40 9.19 -4.94
N LYS A 16 1.24 9.27 -3.61
CA LYS A 16 1.48 10.50 -2.93
C LYS A 16 2.68 10.32 -2.08
N LYS A 17 2.69 9.19 -1.40
CA LYS A 17 3.75 8.84 -0.52
C LYS A 17 4.64 7.80 -1.21
N ALA A 1 -6.39 -13.89 3.53
CA ALA A 1 -6.00 -13.63 2.11
C ALA A 1 -5.43 -12.24 1.97
N MET A 2 -4.52 -11.86 2.89
CA MET A 2 -3.92 -10.55 2.84
C MET A 2 -2.64 -10.67 2.12
N ARG A 3 -2.67 -10.19 0.90
CA ARG A 3 -1.50 -10.13 0.12
C ARG A 3 -0.70 -9.02 0.64
N LEU A 4 -1.47 -7.96 0.94
CA LEU A 4 -1.01 -6.71 1.43
C LEU A 4 0.17 -6.92 2.35
N SER A 5 1.37 -6.73 1.78
CA SER A 5 2.63 -6.94 2.49
C SER A 5 3.14 -5.64 3.10
N PHE A 7 2.00 -3.13 3.26
CA PHE A 7 0.86 -2.29 3.22
C PHE A 7 0.86 -1.11 4.03
N PHE A 8 0.28 -0.21 3.29
CA PHE A 8 -0.02 1.07 3.63
C PHE A 8 1.05 2.00 3.46
N ARG A 9 0.53 3.04 2.87
CA ARG A 9 1.18 4.19 2.49
C ARG A 9 2.22 3.81 1.54
N GLN A 10 1.79 3.04 0.53
CA GLN A 10 2.73 2.56 -0.36
C GLN A 10 2.06 1.87 -1.52
N PHE A 11 0.72 1.94 -1.56
CA PHE A 11 -0.02 1.27 -2.59
C PHE A 11 -1.20 2.04 -2.92
N ILE A 12 -1.68 2.55 -1.85
CA ILE A 12 -2.83 3.30 -1.79
C ILE A 12 -2.43 4.67 -1.95
N LEU A 13 -1.27 4.76 -1.40
CA LEU A 13 -0.65 5.94 -1.12
C LEU A 13 0.58 6.12 -1.89
N GLN A 14 0.94 5.08 -2.59
CA GLN A 14 2.12 5.03 -3.42
C GLN A 14 2.26 6.26 -4.28
N ARG A 15 1.12 6.80 -4.67
CA ARG A 15 1.09 7.91 -5.56
C ARG A 15 1.50 9.19 -4.89
N LYS A 16 1.35 9.24 -3.56
CA LYS A 16 1.64 10.44 -2.83
C LYS A 16 2.85 10.18 -2.01
N LYS A 17 2.82 9.03 -1.38
CA LYS A 17 3.89 8.60 -0.52
C LYS A 17 4.85 7.74 -1.37
N ALA A 1 -7.19 -13.69 2.64
CA ALA A 1 -7.35 -12.32 2.09
C ALA A 1 -6.18 -11.45 2.44
N MET A 2 -4.95 -12.00 2.27
CA MET A 2 -3.77 -11.24 2.59
C MET A 2 -2.82 -11.40 1.47
N ARG A 3 -1.86 -10.49 1.44
CA ARG A 3 -0.88 -10.43 0.43
C ARG A 3 -0.18 -9.17 0.70
N LEU A 4 -1.02 -8.24 1.15
CA LEU A 4 -0.68 -6.90 1.45
C LEU A 4 0.55 -6.87 2.33
N SER A 5 1.71 -6.73 1.67
CA SER A 5 3.01 -6.68 2.34
C SER A 5 3.60 -5.32 2.07
N PHE A 7 2.25 -3.08 3.31
CA PHE A 7 1.04 -2.34 3.19
C PHE A 7 0.95 -1.16 3.99
N PHE A 8 0.36 -0.29 3.23
CA PHE A 8 -0.01 0.97 3.56
C PHE A 8 1.04 1.93 3.41
N ARG A 9 0.48 2.95 2.81
CA ARG A 9 1.12 4.12 2.43
C ARG A 9 2.18 3.77 1.51
N GLN A 10 1.79 2.97 0.48
CA GLN A 10 2.76 2.50 -0.38
C GLN A 10 2.12 1.82 -1.56
N PHE A 11 0.78 1.85 -1.61
CA PHE A 11 0.08 1.15 -2.66
C PHE A 11 -1.11 1.89 -3.02
N ILE A 12 -1.63 2.38 -1.95
CA ILE A 12 -2.81 3.09 -1.91
C ILE A 12 -2.45 4.47 -2.05
N LEU A 13 -1.32 4.61 -1.48
CA LEU A 13 -0.76 5.82 -1.17
C LEU A 13 0.49 6.07 -1.90
N GLN A 14 0.92 5.05 -2.60
CA GLN A 14 2.13 5.07 -3.39
C GLN A 14 2.23 6.30 -4.24
N ARG A 15 1.08 6.81 -4.65
CA ARG A 15 1.02 7.92 -5.53
C ARG A 15 1.34 9.22 -4.83
N LYS A 16 1.16 9.25 -3.51
CA LYS A 16 1.37 10.44 -2.76
C LYS A 16 2.57 10.22 -1.91
N LYS A 17 2.57 9.06 -1.28
CA LYS A 17 3.64 8.67 -0.40
C LYS A 17 4.66 7.87 -1.20
N ALA A 1 -7.49 -12.48 -0.04
CA ALA A 1 -7.78 -11.78 1.24
C ALA A 1 -6.56 -11.06 1.74
N MET A 2 -5.38 -11.72 1.66
CA MET A 2 -4.16 -11.10 2.11
C MET A 2 -3.16 -11.24 1.03
N ARG A 3 -2.14 -10.40 1.15
CA ARG A 3 -1.09 -10.33 0.20
C ARG A 3 -0.30 -9.17 0.66
N LEU A 4 -1.09 -8.22 1.15
CA LEU A 4 -0.64 -6.96 1.62
C LEU A 4 0.53 -7.18 2.56
N SER A 5 1.75 -6.99 1.98
CA SER A 5 3.01 -7.21 2.69
C SER A 5 3.48 -5.95 3.38
N PHE A 7 2.36 -3.44 3.61
CA PHE A 7 1.23 -2.60 3.55
C PHE A 7 1.21 -1.44 4.42
N PHE A 8 0.65 -0.51 3.69
CA PHE A 8 0.35 0.75 4.07
C PHE A 8 1.44 1.68 3.95
N ARG A 9 0.93 2.74 3.39
CA ARG A 9 1.61 3.90 3.06
C ARG A 9 2.68 3.55 2.13
N GLN A 10 2.28 2.83 1.06
CA GLN A 10 3.26 2.37 0.19
C GLN A 10 2.62 1.74 -1.03
N PHE A 11 1.29 1.75 -1.09
CA PHE A 11 0.58 1.10 -2.15
C PHE A 11 -0.56 1.91 -2.53
N ILE A 12 -1.08 2.39 -1.45
CA ILE A 12 -2.21 3.17 -1.41
C ILE A 12 -1.74 4.51 -1.51
N LEU A 13 -0.61 4.55 -0.90
CA LEU A 13 0.05 5.66 -0.57
C LEU A 13 1.36 5.71 -1.24
N GLN A 14 1.27 5.69 -2.52
CA GLN A 14 2.46 5.71 -3.32
C GLN A 14 2.25 6.62 -4.46
N ARG A 15 1.01 6.67 -4.91
CA ARG A 15 0.68 7.46 -6.05
C ARG A 15 0.36 8.86 -5.59
N LYS A 16 0.03 9.00 -4.30
CA LYS A 16 -0.32 10.29 -3.75
C LYS A 16 0.88 10.73 -3.02
N LYS A 17 1.59 9.72 -2.56
CA LYS A 17 2.80 9.93 -1.79
C LYS A 17 3.99 9.45 -2.64
N ALA A 1 -7.38 -13.48 2.21
CA ALA A 1 -7.44 -12.11 1.65
C ALA A 1 -6.26 -11.29 2.11
N MET A 2 -5.04 -11.85 1.95
CA MET A 2 -3.85 -11.15 2.35
C MET A 2 -2.87 -11.25 1.24
N ARG A 3 -1.89 -10.36 1.31
CA ARG A 3 -0.87 -10.26 0.33
C ARG A 3 -0.14 -9.06 0.74
N LEU A 4 -0.98 -8.12 1.23
CA LEU A 4 -0.58 -6.83 1.66
C LEU A 4 0.61 -6.98 2.59
N SER A 5 1.81 -6.77 1.99
CA SER A 5 3.08 -6.92 2.70
C SER A 5 3.55 -5.60 3.27
N PHE A 7 2.31 -3.13 3.38
CA PHE A 7 1.15 -2.33 3.34
C PHE A 7 1.12 -1.13 4.14
N PHE A 8 0.49 -0.27 3.40
CA PHE A 8 0.16 1.01 3.73
C PHE A 8 1.20 1.97 3.52
N ARG A 9 0.63 2.99 2.92
CA ARG A 9 1.24 4.15 2.51
C ARG A 9 2.28 3.79 1.55
N GLN A 10 1.85 2.98 0.55
CA GLN A 10 2.80 2.52 -0.34
C GLN A 10 2.14 1.80 -1.48
N PHE A 11 0.80 1.82 -1.49
CA PHE A 11 0.07 1.11 -2.50
C PHE A 11 -1.15 1.83 -2.83
N ILE A 12 -1.62 2.35 -1.76
CA ILE A 12 -2.80 3.06 -1.70
C ILE A 12 -2.45 4.44 -1.87
N LEU A 13 -1.29 4.59 -1.34
CA LEU A 13 -0.72 5.79 -1.08
C LEU A 13 0.49 6.01 -1.88
N GLN A 14 0.90 4.98 -2.55
CA GLN A 14 2.07 4.98 -3.40
C GLN A 14 2.13 6.17 -4.29
N ARG A 15 0.96 6.65 -4.69
CA ARG A 15 0.86 7.73 -5.62
C ARG A 15 1.13 9.07 -4.99
N LYS A 16 0.99 9.16 -3.67
CA LYS A 16 1.16 10.43 -3.01
C LYS A 16 2.35 10.30 -2.13
N LYS A 17 2.45 9.14 -1.53
CA LYS A 17 3.53 8.84 -0.63
C LYS A 17 4.45 7.82 -1.30
N ALA A 1 -7.19 -13.78 2.07
CA ALA A 1 -7.46 -12.31 2.00
C ALA A 1 -6.25 -11.53 2.45
N MET A 2 -5.08 -11.83 1.86
CA MET A 2 -3.88 -11.13 2.22
C MET A 2 -2.93 -11.22 1.10
N ARG A 3 -1.90 -10.37 1.21
CA ARG A 3 -0.89 -10.26 0.23
C ARG A 3 -0.15 -9.06 0.64
N LEU A 4 -0.99 -8.14 1.12
CA LEU A 4 -0.59 -6.85 1.55
C LEU A 4 0.58 -6.99 2.50
N SER A 5 1.78 -6.78 1.92
CA SER A 5 3.04 -6.93 2.66
C SER A 5 3.48 -5.60 3.27
N PHE A 7 2.25 -3.14 3.39
CA PHE A 7 1.08 -2.35 3.32
C PHE A 7 1.02 -1.17 4.13
N PHE A 8 0.41 -0.29 3.38
CA PHE A 8 0.07 0.98 3.71
C PHE A 8 1.11 1.94 3.54
N ARG A 9 0.55 2.97 2.95
CA ARG A 9 1.16 4.14 2.57
C ARG A 9 2.23 3.79 1.64
N GLN A 10 1.85 3.00 0.62
CA GLN A 10 2.83 2.55 -0.25
C GLN A 10 2.20 1.84 -1.42
N PHE A 11 0.86 1.85 -1.47
CA PHE A 11 0.16 1.14 -2.51
C PHE A 11 -1.03 1.87 -2.88
N ILE A 12 -1.55 2.37 -1.82
CA ILE A 12 -2.72 3.07 -1.78
C ILE A 12 -2.37 4.45 -1.94
N LEU A 13 -1.23 4.60 -1.37
CA LEU A 13 -0.65 5.79 -1.08
C LEU A 13 0.59 6.01 -1.84
N GLN A 14 0.97 4.99 -2.55
CA GLN A 14 2.16 4.98 -3.36
C GLN A 14 2.24 6.19 -4.24
N ARG A 15 1.08 6.68 -4.65
CA ARG A 15 1.01 7.77 -5.56
C ARG A 15 1.10 9.09 -4.86
N LYS A 16 0.83 9.10 -3.55
CA LYS A 16 0.84 10.34 -2.80
C LYS A 16 2.13 10.39 -2.09
N LYS A 17 2.53 9.20 -1.66
CA LYS A 17 3.76 9.04 -0.95
C LYS A 17 4.91 8.99 -1.97
N ALA A 1 -5.08 -14.60 2.27
CA ALA A 1 -6.17 -13.58 2.22
C ALA A 1 -5.60 -12.20 2.05
N MET A 2 -4.57 -11.87 2.85
CA MET A 2 -3.97 -10.55 2.76
C MET A 2 -2.68 -10.68 2.07
N ARG A 3 -2.68 -10.20 0.84
CA ARG A 3 -1.50 -10.17 0.09
C ARG A 3 -0.69 -9.06 0.63
N LEU A 4 -1.45 -7.99 0.90
CA LEU A 4 -0.98 -6.75 1.40
C LEU A 4 0.20 -6.97 2.33
N SER A 5 1.40 -6.76 1.76
CA SER A 5 2.66 -6.97 2.47
C SER A 5 3.15 -5.68 3.11
N PHE A 7 2.02 -3.17 3.28
CA PHE A 7 0.88 -2.33 3.22
C PHE A 7 0.88 -1.15 4.04
N PHE A 8 0.31 -0.25 3.30
CA PHE A 8 0.01 1.04 3.64
C PHE A 8 1.08 1.96 3.47
N ARG A 9 0.56 3.01 2.88
CA ARG A 9 1.22 4.16 2.51
C ARG A 9 2.27 3.77 1.57
N GLN A 10 1.84 3.00 0.55
CA GLN A 10 2.80 2.51 -0.33
C GLN A 10 2.13 1.83 -1.50
N PHE A 11 0.80 1.91 -1.54
CA PHE A 11 0.06 1.23 -2.57
C PHE A 11 -1.11 2.01 -2.93
N ILE A 12 -1.60 2.53 -1.86
CA ILE A 12 -2.75 3.28 -1.82
C ILE A 12 -2.35 4.65 -1.96
N LEU A 13 -1.21 4.75 -1.39
CA LEU A 13 -0.60 5.93 -1.10
C LEU A 13 0.64 6.14 -1.87
N GLN A 14 1.02 5.09 -2.56
CA GLN A 14 2.21 5.08 -3.37
C GLN A 14 2.31 6.27 -4.27
N ARG A 15 1.15 6.78 -4.66
CA ARG A 15 1.07 7.86 -5.58
C ARG A 15 1.39 9.19 -4.96
N LYS A 16 1.28 9.28 -3.62
CA LYS A 16 1.50 10.53 -2.96
C LYS A 16 2.67 10.36 -2.06
N LYS A 17 2.67 9.20 -1.42
CA LYS A 17 3.71 8.86 -0.49
C LYS A 17 4.64 7.83 -1.16
N ALA A 1 -7.34 -13.40 2.41
CA ALA A 1 -7.37 -12.06 1.75
C ALA A 1 -6.18 -11.24 2.17
N MET A 2 -4.97 -11.83 2.05
CA MET A 2 -3.77 -11.13 2.43
C MET A 2 -2.81 -11.23 1.30
N ARG A 3 -1.84 -10.32 1.35
CA ARG A 3 -0.84 -10.23 0.35
C ARG A 3 -0.10 -9.01 0.73
N LEU A 4 -0.93 -8.09 1.24
CA LEU A 4 -0.53 -6.80 1.65
C LEU A 4 0.68 -6.93 2.55
N SER A 5 1.85 -6.68 1.94
CA SER A 5 3.15 -6.80 2.61
C SER A 5 3.58 -5.47 3.19
N PHE A 7 2.32 -3.01 3.35
CA PHE A 7 1.15 -2.24 3.31
C PHE A 7 1.10 -1.05 4.09
N PHE A 8 0.45 -0.19 3.35
CA PHE A 8 0.09 1.08 3.66
C PHE A 8 1.12 2.06 3.44
N ARG A 9 0.51 3.06 2.85
CA ARG A 9 1.10 4.23 2.42
C ARG A 9 2.14 3.89 1.47
N GLN A 10 1.73 3.07 0.47
CA GLN A 10 2.69 2.60 -0.42
C GLN A 10 2.03 1.87 -1.56
N PHE A 11 0.69 1.85 -1.57
CA PHE A 11 -0.03 1.11 -2.56
C PHE A 11 -1.25 1.81 -2.90
N ILE A 12 -1.74 2.32 -1.83
CA ILE A 12 -2.92 3.01 -1.77
C ILE A 12 -2.58 4.39 -1.97
N LEU A 13 -1.43 4.56 -1.43
CA LEU A 13 -0.86 5.76 -1.20
C LEU A 13 0.39 5.96 -1.97
N GLN A 14 0.75 4.92 -2.67
CA GLN A 14 1.94 4.89 -3.51
C GLN A 14 2.08 6.14 -4.33
N ARG A 15 0.97 6.70 -4.73
CA ARG A 15 0.95 7.84 -5.59
C ARG A 15 1.35 9.10 -4.86
N LYS A 16 1.24 9.08 -3.53
CA LYS A 16 1.53 10.24 -2.75
C LYS A 16 2.69 9.91 -1.90
N LYS A 17 2.55 8.80 -1.18
CA LYS A 17 3.58 8.31 -0.31
C LYS A 17 4.04 9.44 0.63
N ALA A 1 -5.67 -14.51 1.16
CA ALA A 1 -6.51 -13.55 1.93
C ALA A 1 -5.85 -12.20 1.99
N MET A 2 -4.57 -12.16 2.38
CA MET A 2 -3.85 -10.91 2.47
C MET A 2 -2.65 -11.01 1.63
N ARG A 3 -2.55 -10.05 0.74
CA ARG A 3 -1.44 -9.92 -0.10
C ARG A 3 -0.66 -8.81 0.48
N LEU A 4 -1.47 -7.88 1.00
CA LEU A 4 -1.03 -6.67 1.59
C LEU A 4 0.13 -6.95 2.51
N SER A 5 1.34 -6.70 1.96
CA SER A 5 2.59 -6.96 2.67
C SER A 5 3.16 -5.68 3.25
N PHE A 7 2.09 -3.14 3.44
CA PHE A 7 0.97 -2.28 3.42
C PHE A 7 1.04 -1.07 4.22
N PHE A 8 0.46 -0.17 3.49
CA PHE A 8 0.21 1.12 3.82
C PHE A 8 1.29 2.03 3.58
N ARG A 9 0.77 3.08 3.00
CA ARG A 9 1.43 4.20 2.56
C ARG A 9 2.42 3.78 1.59
N GLN A 10 1.94 3.00 0.61
CA GLN A 10 2.84 2.46 -0.30
C GLN A 10 2.10 1.78 -1.42
N PHE A 11 0.76 1.89 -1.41
CA PHE A 11 -0.03 1.22 -2.40
C PHE A 11 -1.20 2.02 -2.71
N ILE A 12 -1.63 2.56 -1.62
CA ILE A 12 -2.77 3.33 -1.53
C ILE A 12 -2.33 4.69 -1.72
N LEU A 13 -1.14 4.77 -1.25
CA LEU A 13 -0.49 5.93 -1.02
C LEU A 13 0.73 6.06 -1.85
N GLN A 14 1.03 5.00 -2.53
CA GLN A 14 2.18 4.90 -3.39
C GLN A 14 2.32 6.08 -4.30
N ARG A 15 1.20 6.66 -4.70
CA ARG A 15 1.22 7.71 -5.66
C ARG A 15 1.34 9.07 -5.02
N LYS A 16 1.02 9.17 -3.72
CA LYS A 16 1.04 10.46 -3.07
C LYS A 16 2.27 10.48 -2.27
N LYS A 17 2.58 9.30 -1.79
CA LYS A 17 3.74 9.07 -0.97
C LYS A 17 4.68 8.13 -1.72
N ALA A 1 -7.31 -13.49 2.39
CA ALA A 1 -7.40 -12.14 1.78
C ALA A 1 -6.21 -11.29 2.18
N MET A 2 -5.00 -11.87 2.07
CA MET A 2 -3.81 -11.15 2.43
C MET A 2 -2.84 -11.27 1.31
N ARG A 3 -1.87 -10.37 1.35
CA ARG A 3 -0.88 -10.28 0.35
C ARG A 3 -0.12 -9.07 0.73
N LEU A 4 -0.95 -8.13 1.19
CA LEU A 4 -0.56 -6.83 1.60
C LEU A 4 0.65 -6.95 2.51
N SER A 5 1.83 -6.74 1.88
CA SER A 5 3.12 -6.86 2.58
C SER A 5 3.55 -5.54 3.19
N PHE A 7 2.29 -3.08 3.35
CA PHE A 7 1.12 -2.31 3.30
C PHE A 7 1.06 -1.11 4.10
N PHE A 8 0.44 -0.25 3.36
CA PHE A 8 0.08 1.02 3.68
C PHE A 8 1.10 1.99 3.49
N ARG A 9 0.52 3.01 2.90
CA ARG A 9 1.12 4.18 2.49
C ARG A 9 2.17 3.85 1.55
N GLN A 10 1.77 3.04 0.54
CA GLN A 10 2.74 2.58 -0.34
C GLN A 10 2.10 1.86 -1.49
N PHE A 11 0.76 1.86 -1.52
CA PHE A 11 0.05 1.14 -2.54
C PHE A 11 -1.16 1.84 -2.89
N ILE A 12 -1.67 2.35 -1.82
CA ILE A 12 -2.85 3.03 -1.76
C ILE A 12 -2.51 4.42 -1.93
N LEU A 13 -1.37 4.58 -1.39
CA LEU A 13 -0.79 5.78 -1.14
C LEU A 13 0.44 6.00 -1.91
N GLN A 14 0.85 4.96 -2.58
CA GLN A 14 2.03 4.94 -3.41
C GLN A 14 2.15 6.17 -4.27
N ARG A 15 1.01 6.68 -4.69
CA ARG A 15 0.97 7.80 -5.59
C ARG A 15 1.28 9.10 -4.90
N LYS A 16 1.09 9.15 -3.57
CA LYS A 16 1.30 10.38 -2.86
C LYS A 16 2.48 10.17 -1.99
N LYS A 17 2.56 8.97 -1.45
CA LYS A 17 3.64 8.61 -0.57
C LYS A 17 4.67 7.81 -1.37
#